data_3O64
#
_entry.id   3O64
#
_cell.length_a   74.446
_cell.length_b   76.508
_cell.length_c   103.866
_cell.angle_alpha   90.000
_cell.angle_beta   90.000
_cell.angle_gamma   90.000
#
_symmetry.space_group_name_H-M   'P 21 21 21'
#
loop_
_entity.id
_entity.type
_entity.pdbx_description
1 polymer TACE
2 non-polymer 'ISOPROPYL ALCOHOL'
3 non-polymer N-{(2R)-2-[2-(hydroxyamino)-2-oxoethyl]-4-methylpentanoyl}-3-methyl-L-valyl-N-(2-aminoethyl)-L-alaninamide
4 non-polymer 'ZINC ION'
5 non-polymer 'CALCIUM ION'
6 non-polymer (2R,3R)-2,3-dihydroxy-4-{(2R)-2-[2-(methylamino)-5-(methylsulfonyl)-1,3-thiazol-4-yl]pyrrolidin-1-yl}-4-oxo-N-{(1R)-1-[4-(1H-pyrazol-1-yl)phenyl]ethyl}butanamide
7 water water
#
_entity_poly.entity_id   1
_entity_poly.type   'polypeptide(L)'
_entity_poly.pdbx_seq_one_letter_code
;RADPDPMKNTCKLLVVADHRFYRYMGRGEESTTTNYLIELIDRVDDIYRNTAWDNAGFKGYGIQIEQIRILKSPQEVKPG
EKHYNMAKSYPNEEKDAWDVKMLLEQFSFDIAEEASKVCLAHLFTYQDFDMGTLGLAYGGSPRANSHGGVCPKAYYSPVG
KKNIYLNSGLTSTKNYGKTILTKEADLVTTHELGHNFGAEHDPDGLAECAPNEDQGGKYVMYPIAVSGDHENNKMFSQCS
KQSIYKTIESKAQECFQERSNKGSHHHHHH
;
_entity_poly.pdbx_strand_id   A,B
#
# COMPACT_ATOMS: atom_id res chain seq x y z
N ASP A 3 0.72 3.92 -3.84
CA ASP A 3 -0.44 3.55 -4.64
C ASP A 3 -0.05 3.02 -6.01
N PRO A 4 -0.61 1.89 -6.43
CA PRO A 4 -0.24 1.37 -7.75
C PRO A 4 -0.75 2.26 -8.89
N ASP A 5 0.17 2.63 -9.79
CA ASP A 5 -0.16 3.45 -10.97
C ASP A 5 -0.58 2.48 -12.09
N PRO A 6 -1.88 2.47 -12.50
CA PRO A 6 -2.31 1.56 -13.57
C PRO A 6 -1.57 1.80 -14.90
N MET A 7 -1.00 3.01 -15.07
CA MET A 7 -0.22 3.40 -16.24
C MET A 7 1.22 2.88 -16.16
N LYS A 8 1.66 2.44 -14.96
CA LYS A 8 3.02 1.96 -14.74
C LYS A 8 3.00 0.68 -13.88
N ASN A 9 2.31 -0.36 -14.37
CA ASN A 9 2.23 -1.60 -13.60
C ASN A 9 2.74 -2.85 -14.31
N THR A 10 3.27 -2.71 -15.53
CA THR A 10 3.70 -3.88 -16.31
C THR A 10 5.14 -3.78 -16.77
N CYS A 11 5.90 -4.85 -16.55
CA CYS A 11 7.29 -4.93 -17.02
C CYS A 11 7.23 -5.60 -18.40
N LYS A 12 7.51 -4.84 -19.47
CA LYS A 12 7.48 -5.40 -20.82
C LYS A 12 8.76 -6.19 -21.08
N LEU A 13 8.63 -7.41 -21.66
CA LEU A 13 9.78 -8.29 -21.90
C LEU A 13 10.17 -8.46 -23.34
N LEU A 14 11.48 -8.56 -23.58
CA LEU A 14 12.03 -9.00 -24.86
C LEU A 14 12.30 -10.49 -24.57
N VAL A 15 11.66 -11.37 -25.32
CA VAL A 15 11.83 -12.80 -25.13
C VAL A 15 12.65 -13.29 -26.31
N VAL A 16 13.74 -14.02 -26.04
CA VAL A 16 14.60 -14.55 -27.10
C VAL A 16 14.60 -16.08 -27.02
N ALA A 17 14.30 -16.77 -28.13
CA ALA A 17 14.39 -18.23 -28.20
C ALA A 17 15.59 -18.53 -29.10
N ASP A 18 16.62 -19.20 -28.55
CA ASP A 18 17.81 -19.50 -29.34
C ASP A 18 17.56 -20.70 -30.25
N HIS A 19 18.53 -21.04 -31.12
CA HIS A 19 18.45 -22.17 -32.05
C HIS A 19 18.17 -23.52 -31.38
N ARG A 20 18.67 -23.72 -30.14
CA ARG A 20 18.45 -24.97 -29.38
C ARG A 20 16.98 -25.07 -28.97
N PHE A 21 16.42 -23.97 -28.44
CA PHE A 21 15.02 -23.94 -28.04
C PHE A 21 14.10 -24.15 -29.26
N TYR A 22 14.38 -23.43 -30.38
CA TYR A 22 13.63 -23.54 -31.63
C TYR A 22 13.58 -24.98 -32.14
N ARG A 23 14.73 -25.66 -32.17
CA ARG A 23 14.78 -27.04 -32.63
C ARG A 23 14.12 -28.04 -31.67
N TYR A 24 14.50 -28.05 -30.39
CA TYR A 24 14.03 -29.07 -29.45
C TYR A 24 12.73 -28.84 -28.73
N MET A 25 12.32 -27.58 -28.61
CA MET A 25 11.07 -27.24 -27.96
C MET A 25 10.02 -26.82 -28.99
N GLY A 26 10.44 -26.04 -29.98
CA GLY A 26 9.54 -25.53 -31.02
C GLY A 26 9.41 -26.42 -32.24
N ARG A 27 10.10 -27.57 -32.24
CA ARG A 27 10.10 -28.56 -33.33
C ARG A 27 10.42 -27.93 -34.71
N GLY A 28 11.28 -26.93 -34.73
CA GLY A 28 11.67 -26.21 -35.95
C GLY A 28 10.57 -25.37 -36.56
N GLU A 29 9.52 -25.05 -35.76
CA GLU A 29 8.37 -24.25 -36.18
C GLU A 29 8.22 -22.97 -35.36
N GLU A 30 7.92 -21.84 -36.02
CA GLU A 30 7.73 -20.56 -35.34
C GLU A 30 6.47 -20.57 -34.48
N SER A 31 5.36 -21.13 -35.00
CA SER A 31 4.08 -21.20 -34.30
C SER A 31 4.21 -21.98 -32.98
N THR A 32 4.83 -23.17 -33.01
CA THR A 32 5.01 -23.99 -31.80
C THR A 32 5.89 -23.26 -30.76
N THR A 33 6.97 -22.62 -31.23
CA THR A 33 7.89 -21.87 -30.38
C THR A 33 7.19 -20.71 -29.67
N THR A 34 6.52 -19.85 -30.44
CA THR A 34 5.86 -18.69 -29.85
C THR A 34 4.69 -19.07 -28.94
N ASN A 35 3.87 -20.08 -29.34
CA ASN A 35 2.73 -20.51 -28.51
C ASN A 35 3.21 -20.98 -27.13
N TYR A 36 4.30 -21.77 -27.09
CA TYR A 36 4.87 -22.24 -25.83
C TYR A 36 5.23 -21.05 -24.93
N LEU A 37 5.99 -20.08 -25.47
CA LEU A 37 6.46 -18.92 -24.70
C LEU A 37 5.35 -17.97 -24.27
N ILE A 38 4.38 -17.71 -25.17
CA ILE A 38 3.21 -16.86 -24.86
C ILE A 38 2.43 -17.47 -23.69
N GLU A 39 2.13 -18.79 -23.74
CA GLU A 39 1.37 -19.45 -22.66
C GLU A 39 2.16 -19.48 -21.36
N LEU A 40 3.49 -19.76 -21.42
CA LEU A 40 4.36 -19.79 -20.24
C LEU A 40 4.37 -18.43 -19.53
N ILE A 41 4.66 -17.33 -20.29
CA ILE A 41 4.70 -15.99 -19.70
C ILE A 41 3.35 -15.58 -19.12
N ASP A 42 2.25 -15.93 -19.80
CA ASP A 42 0.89 -15.65 -19.28
C ASP A 42 0.65 -16.36 -17.93
N ARG A 43 1.08 -17.64 -17.79
CA ARG A 43 0.91 -18.35 -16.52
C ARG A 43 1.80 -17.74 -15.41
N VAL A 44 3.02 -17.33 -15.77
CA VAL A 44 3.93 -16.67 -14.81
C VAL A 44 3.30 -15.32 -14.43
N ASP A 45 2.77 -14.56 -15.41
CA ASP A 45 2.11 -13.25 -15.15
C ASP A 45 0.96 -13.39 -14.14
N ASP A 46 0.16 -14.49 -14.21
CA ASP A 46 -0.94 -14.73 -13.25
C ASP A 46 -0.40 -14.80 -11.81
N ILE A 47 0.79 -15.40 -11.60
CA ILE A 47 1.41 -15.50 -10.27
C ILE A 47 1.76 -14.09 -9.78
N TYR A 48 2.44 -13.30 -10.62
CA TYR A 48 2.86 -11.93 -10.27
C TYR A 48 1.68 -11.00 -10.02
N ARG A 49 0.74 -10.95 -10.99
CA ARG A 49 -0.43 -10.07 -10.97
C ARG A 49 -1.33 -10.28 -9.76
N ASN A 50 -1.47 -11.54 -9.30
CA ASN A 50 -2.32 -11.87 -8.15
C ASN A 50 -1.60 -11.75 -6.81
N THR A 51 -0.29 -11.41 -6.83
CA THR A 51 0.48 -11.24 -5.58
C THR A 51 0.28 -9.84 -4.99
N ALA A 52 -0.09 -9.80 -3.71
CA ALA A 52 -0.23 -8.56 -2.96
C ALA A 52 1.11 -8.41 -2.22
N TRP A 53 2.03 -7.60 -2.79
CA TRP A 53 3.38 -7.41 -2.26
C TRP A 53 3.44 -6.86 -0.83
N ASP A 54 2.41 -6.11 -0.41
CA ASP A 54 2.30 -5.54 0.94
C ASP A 54 1.24 -6.28 1.77
N ASN A 55 0.68 -7.40 1.24
CA ASN A 55 -0.40 -8.19 1.86
C ASN A 55 -1.73 -7.40 1.94
N ALA A 56 -1.87 -6.35 1.12
CA ALA A 56 -3.05 -5.50 1.06
C ALA A 56 -3.45 -5.19 -0.40
N GLY A 57 -3.46 -3.91 -0.78
CA GLY A 57 -3.85 -3.47 -2.11
C GLY A 57 -2.75 -3.28 -3.13
N PHE A 58 -1.48 -3.52 -2.75
CA PHE A 58 -0.36 -3.35 -3.69
C PHE A 58 -0.19 -4.63 -4.51
N LYS A 59 -1.10 -4.80 -5.48
CA LYS A 59 -1.16 -5.94 -6.40
C LYS A 59 -1.48 -5.46 -7.81
N GLY A 60 -1.45 -6.37 -8.78
CA GLY A 60 -1.74 -6.04 -10.17
C GLY A 60 -0.51 -5.75 -11.01
N TYR A 61 0.70 -5.97 -10.43
CA TYR A 61 1.99 -5.79 -11.11
C TYR A 61 2.37 -7.07 -11.79
N GLY A 62 2.76 -6.97 -13.06
CA GLY A 62 3.10 -8.17 -13.79
C GLY A 62 4.02 -7.94 -14.96
N ILE A 63 3.98 -8.89 -15.90
CA ILE A 63 4.87 -8.94 -17.05
C ILE A 63 4.07 -9.17 -18.33
N GLN A 64 4.57 -8.66 -19.46
CA GLN A 64 3.94 -8.90 -20.77
C GLN A 64 5.00 -8.93 -21.84
N ILE A 65 4.87 -9.84 -22.80
CA ILE A 65 5.82 -9.93 -23.91
C ILE A 65 5.64 -8.73 -24.85
N GLU A 66 6.72 -8.04 -25.17
CA GLU A 66 6.71 -6.93 -26.13
C GLU A 66 7.15 -7.47 -27.50
N GLN A 67 8.14 -8.38 -27.50
CA GLN A 67 8.69 -8.95 -28.72
C GLN A 67 9.23 -10.34 -28.44
N ILE A 68 9.08 -11.24 -29.41
CA ILE A 68 9.70 -12.57 -29.34
C ILE A 68 10.66 -12.64 -30.51
N ARG A 69 11.95 -12.77 -30.21
CA ARG A 69 12.97 -12.94 -31.25
C ARG A 69 13.20 -14.45 -31.36
N ILE A 70 13.08 -14.99 -32.56
CA ILE A 70 13.27 -16.43 -32.78
C ILE A 70 14.54 -16.62 -33.63
N LEU A 71 15.58 -17.21 -33.04
CA LEU A 71 16.82 -17.49 -33.77
C LEU A 71 16.71 -18.92 -34.31
N LYS A 72 16.47 -19.03 -35.62
CA LYS A 72 16.23 -20.33 -36.24
C LYS A 72 17.45 -21.21 -36.40
N SER A 73 18.62 -20.60 -36.56
CA SER A 73 19.82 -21.37 -36.78
C SER A 73 20.98 -20.83 -35.93
N PRO A 74 22.09 -21.60 -35.75
CA PRO A 74 23.20 -21.08 -34.95
C PRO A 74 23.84 -19.84 -35.54
N GLN A 75 24.38 -18.98 -34.68
CA GLN A 75 25.08 -17.77 -35.09
C GLN A 75 26.46 -18.17 -35.59
N GLU A 76 26.79 -17.84 -36.84
CA GLU A 76 28.12 -18.13 -37.38
C GLU A 76 29.09 -17.17 -36.70
N VAL A 77 30.24 -17.71 -36.25
CA VAL A 77 31.25 -16.91 -35.55
C VAL A 77 32.60 -17.09 -36.25
N LYS A 78 33.46 -16.08 -36.16
CA LYS A 78 34.83 -16.13 -36.68
C LYS A 78 35.66 -16.91 -35.63
N PRO A 79 36.81 -17.54 -35.97
CA PRO A 79 37.59 -18.25 -34.94
C PRO A 79 37.97 -17.33 -33.77
N GLY A 80 37.80 -17.83 -32.56
CA GLY A 80 38.07 -17.08 -31.33
C GLY A 80 36.91 -16.23 -30.83
N GLU A 81 35.92 -15.94 -31.71
CA GLU A 81 34.74 -15.12 -31.41
C GLU A 81 33.62 -15.98 -30.83
N LYS A 82 32.90 -15.46 -29.82
CA LYS A 82 31.76 -16.16 -29.22
C LYS A 82 30.48 -15.33 -29.27
N HIS A 83 29.33 -16.01 -29.20
CA HIS A 83 28.00 -15.41 -29.24
C HIS A 83 27.09 -16.38 -28.51
N TYR A 84 26.09 -15.88 -27.76
CA TYR A 84 25.19 -16.75 -27.01
C TYR A 84 24.43 -17.78 -27.88
N ASN A 85 24.25 -17.47 -29.17
CA ASN A 85 23.52 -18.33 -30.10
C ASN A 85 24.42 -19.17 -31.01
N MET A 86 25.75 -19.19 -30.72
CA MET A 86 26.66 -20.02 -31.54
C MET A 86 26.35 -21.52 -31.35
N ALA A 87 26.76 -22.38 -32.32
CA ALA A 87 26.48 -23.81 -32.26
C ALA A 87 27.14 -24.53 -31.08
N LYS A 88 28.40 -24.20 -30.78
CA LYS A 88 29.11 -24.86 -29.69
C LYS A 88 28.88 -24.23 -28.32
N SER A 89 29.09 -25.03 -27.26
CA SER A 89 28.99 -24.59 -25.88
C SER A 89 30.33 -23.94 -25.51
N TYR A 90 30.34 -23.11 -24.48
CA TYR A 90 31.55 -22.42 -24.00
C TYR A 90 31.55 -22.43 -22.47
N PRO A 91 32.69 -22.63 -21.78
CA PRO A 91 34.07 -22.80 -22.29
C PRO A 91 34.47 -24.19 -22.79
N ASN A 92 33.65 -25.21 -22.51
CA ASN A 92 33.96 -26.57 -22.95
C ASN A 92 33.04 -27.03 -24.08
N GLU A 93 33.55 -27.05 -25.32
CA GLU A 93 32.79 -27.44 -26.51
C GLU A 93 32.33 -28.91 -26.52
N GLU A 94 32.94 -29.77 -25.68
CA GLU A 94 32.60 -31.19 -25.58
C GLU A 94 31.33 -31.41 -24.74
N LYS A 95 30.88 -30.37 -24.01
CA LYS A 95 29.70 -30.43 -23.13
C LYS A 95 28.44 -29.97 -23.85
N ASP A 96 27.27 -30.50 -23.45
CA ASP A 96 25.98 -30.12 -24.02
C ASP A 96 25.66 -28.65 -23.76
N ALA A 97 26.16 -28.10 -22.63
CA ALA A 97 25.85 -26.76 -22.20
C ALA A 97 27.03 -25.86 -21.92
N TRP A 98 26.76 -24.56 -21.94
CA TRP A 98 27.68 -23.52 -21.56
C TRP A 98 27.77 -23.57 -20.03
N ASP A 99 28.77 -22.86 -19.47
CA ASP A 99 28.81 -22.56 -18.05
C ASP A 99 27.69 -21.50 -17.96
N VAL A 100 26.68 -21.70 -17.09
CA VAL A 100 25.52 -20.81 -16.99
C VAL A 100 25.85 -19.32 -16.74
N LYS A 101 26.84 -19.04 -15.88
CA LYS A 101 27.22 -17.64 -15.57
C LYS A 101 27.80 -16.97 -16.80
N MET A 102 28.68 -17.68 -17.53
CA MET A 102 29.29 -17.14 -18.75
C MET A 102 28.25 -16.93 -19.84
N LEU A 103 27.25 -17.82 -19.94
CA LEU A 103 26.17 -17.67 -20.93
C LEU A 103 25.34 -16.43 -20.65
N LEU A 104 24.96 -16.19 -19.39
CA LEU A 104 24.18 -14.99 -19.04
C LEU A 104 24.97 -13.71 -19.38
N GLU A 105 26.28 -13.70 -19.10
CA GLU A 105 27.16 -12.55 -19.39
C GLU A 105 27.23 -12.32 -20.91
N GLN A 106 27.37 -13.42 -21.69
CA GLN A 106 27.41 -13.36 -23.16
C GLN A 106 26.10 -12.86 -23.74
N PHE A 107 24.98 -13.40 -23.27
CA PHE A 107 23.68 -12.95 -23.73
C PHE A 107 23.52 -11.45 -23.49
N SER A 108 23.85 -10.99 -22.26
CA SER A 108 23.76 -9.57 -21.90
C SER A 108 24.61 -8.70 -22.82
N PHE A 109 25.80 -9.21 -23.20
CA PHE A 109 26.70 -8.47 -24.10
C PHE A 109 26.09 -8.38 -25.50
N ASP A 110 25.62 -9.51 -26.05
CA ASP A 110 25.10 -9.52 -27.43
C ASP A 110 23.78 -8.80 -27.63
N ILE A 111 22.94 -8.75 -26.59
CA ILE A 111 21.61 -8.13 -26.66
C ILE A 111 21.57 -6.68 -26.10
N ALA A 112 22.74 -6.12 -25.72
CA ALA A 112 22.84 -4.79 -25.10
C ALA A 112 21.98 -3.69 -25.71
N GLU A 113 22.05 -3.53 -27.04
CA GLU A 113 21.30 -2.49 -27.75
C GLU A 113 19.79 -2.65 -27.54
N GLU A 114 19.28 -3.87 -27.71
CA GLU A 114 17.85 -4.17 -27.54
C GLU A 114 17.44 -4.09 -26.06
N ALA A 115 18.33 -4.53 -25.15
CA ALA A 115 18.07 -4.55 -23.69
C ALA A 115 17.87 -3.17 -23.11
N SER A 116 18.52 -2.14 -23.69
CA SER A 116 18.40 -0.76 -23.22
C SER A 116 17.01 -0.14 -23.44
N LYS A 117 16.20 -0.74 -24.33
CA LYS A 117 14.88 -0.25 -24.72
C LYS A 117 13.71 -0.97 -24.06
N VAL A 118 13.98 -1.97 -23.19
CA VAL A 118 12.96 -2.80 -22.53
C VAL A 118 13.19 -2.91 -21.02
N CYS A 119 12.12 -3.24 -20.26
CA CYS A 119 12.21 -3.46 -18.81
C CYS A 119 13.13 -4.68 -18.54
N LEU A 120 12.92 -5.81 -19.24
CA LEU A 120 13.74 -7.03 -19.10
C LEU A 120 13.89 -7.78 -20.42
N ALA A 121 15.01 -8.51 -20.55
CA ALA A 121 15.28 -9.39 -21.67
C ALA A 121 15.43 -10.79 -21.04
N HIS A 122 14.80 -11.80 -21.63
CA HIS A 122 14.92 -13.16 -21.08
C HIS A 122 15.27 -14.12 -22.21
N LEU A 123 16.32 -14.94 -22.01
CA LEU A 123 16.72 -15.93 -22.99
C LEU A 123 16.12 -17.31 -22.64
N PHE A 124 15.51 -17.97 -23.62
CA PHE A 124 14.98 -19.32 -23.43
C PHE A 124 15.85 -20.25 -24.23
N THR A 125 16.48 -21.23 -23.57
CA THR A 125 17.40 -22.16 -24.24
C THR A 125 17.05 -23.62 -23.93
N TYR A 126 17.79 -24.54 -24.54
CA TYR A 126 17.60 -25.96 -24.33
C TYR A 126 18.97 -26.60 -24.23
N GLN A 127 19.55 -26.52 -23.04
CA GLN A 127 20.86 -27.09 -22.76
C GLN A 127 20.92 -27.59 -21.32
N ASP A 128 21.59 -28.71 -21.13
CA ASP A 128 21.65 -29.39 -19.83
C ASP A 128 22.80 -28.87 -18.99
N PHE A 129 22.53 -27.79 -18.22
CA PHE A 129 23.53 -27.19 -17.35
C PHE A 129 23.99 -28.18 -16.33
N ASP A 130 25.28 -28.16 -16.03
CA ASP A 130 25.90 -29.07 -15.09
C ASP A 130 25.25 -29.00 -13.73
N MET A 131 25.16 -30.17 -13.08
CA MET A 131 24.64 -30.35 -11.72
C MET A 131 23.22 -29.87 -11.43
N GLY A 132 22.30 -30.03 -12.40
CA GLY A 132 20.88 -29.70 -12.20
C GLY A 132 20.43 -28.26 -12.26
N THR A 133 21.32 -27.33 -12.68
CA THR A 133 20.93 -25.91 -12.79
C THR A 133 19.89 -25.69 -13.90
N LEU A 134 18.87 -24.85 -13.65
CA LEU A 134 17.81 -24.57 -14.62
C LEU A 134 17.79 -23.15 -15.20
N GLY A 135 18.34 -22.21 -14.46
CA GLY A 135 18.34 -20.83 -14.90
C GLY A 135 19.27 -19.95 -14.09
N LEU A 136 19.34 -18.67 -14.49
CA LEU A 136 20.16 -17.66 -13.84
C LEU A 136 19.65 -16.28 -14.20
N ALA A 137 19.80 -15.30 -13.28
CA ALA A 137 19.34 -13.94 -13.56
C ALA A 137 20.05 -12.91 -12.69
N TYR A 138 20.12 -11.65 -13.17
CA TYR A 138 20.70 -10.57 -12.35
C TYR A 138 19.63 -9.98 -11.47
N GLY A 139 20.04 -9.48 -10.31
CA GLY A 139 19.17 -8.85 -9.32
C GLY A 139 19.04 -9.76 -8.12
N GLY A 140 18.71 -9.20 -6.95
CA GLY A 140 18.58 -10.01 -5.74
C GLY A 140 19.85 -10.76 -5.38
N HIS A 147 22.33 -4.39 -8.21
CA HIS A 147 23.21 -5.00 -9.21
C HIS A 147 22.41 -5.68 -10.35
N GLY A 148 21.48 -4.93 -10.92
CA GLY A 148 20.68 -5.41 -12.03
C GLY A 148 19.22 -5.68 -11.75
N GLY A 149 18.60 -6.43 -12.65
CA GLY A 149 17.19 -6.75 -12.54
C GLY A 149 16.37 -5.80 -13.36
N VAL A 150 15.09 -5.61 -12.99
CA VAL A 150 14.16 -4.74 -13.71
C VAL A 150 14.73 -3.35 -14.00
N CYS A 151 14.50 -2.85 -15.23
CA CYS A 151 14.95 -1.54 -15.74
C CYS A 151 16.44 -1.57 -16.08
N PRO A 152 16.82 -1.27 -17.35
CA PRO A 152 18.23 -1.38 -17.73
C PRO A 152 19.17 -0.52 -16.91
N LYS A 153 20.17 -1.19 -16.28
CA LYS A 153 21.23 -0.55 -15.50
C LYS A 153 22.52 -0.89 -16.21
N ALA A 154 23.26 0.14 -16.59
CA ALA A 154 24.50 -0.04 -17.32
C ALA A 154 25.61 -0.57 -16.45
N TYR A 155 26.48 -1.36 -17.07
CA TYR A 155 27.70 -1.88 -16.50
C TYR A 155 28.74 -1.79 -17.62
N TYR A 156 29.81 -1.05 -17.38
CA TYR A 156 30.85 -0.96 -18.40
C TYR A 156 31.72 -2.22 -18.33
N SER A 157 31.71 -2.99 -19.41
CA SER A 157 32.48 -4.22 -19.46
C SER A 157 33.90 -3.92 -19.92
N PRO A 158 34.95 -4.04 -19.06
CA PRO A 158 36.31 -3.74 -19.53
C PRO A 158 36.79 -4.72 -20.59
N VAL A 159 36.38 -5.99 -20.49
CA VAL A 159 36.69 -7.04 -21.47
C VAL A 159 35.88 -6.77 -22.75
N GLY A 160 34.60 -6.46 -22.59
CA GLY A 160 33.70 -6.17 -23.70
C GLY A 160 33.89 -4.84 -24.40
N LYS A 161 34.50 -3.85 -23.71
CA LYS A 161 34.77 -2.49 -24.21
C LYS A 161 33.53 -1.64 -24.55
N LYS A 162 32.41 -1.92 -23.88
CA LYS A 162 31.14 -1.18 -24.05
C LYS A 162 30.26 -1.38 -22.83
N ASN A 163 29.17 -0.63 -22.78
CA ASN A 163 28.18 -0.82 -21.74
C ASN A 163 27.27 -1.97 -22.10
N ILE A 164 26.97 -2.81 -21.12
CA ILE A 164 26.00 -3.89 -21.23
C ILE A 164 24.97 -3.55 -20.14
N TYR A 165 23.79 -4.16 -20.20
CA TYR A 165 22.72 -3.88 -19.24
C TYR A 165 22.40 -5.13 -18.43
N LEU A 166 22.15 -4.95 -17.15
CA LEU A 166 21.92 -6.08 -16.24
C LEU A 166 20.44 -6.43 -16.04
N ASN A 167 19.58 -6.11 -17.02
CA ASN A 167 18.14 -6.40 -16.95
C ASN A 167 17.86 -7.71 -17.71
N SER A 168 18.58 -8.78 -17.33
CA SER A 168 18.52 -10.04 -18.05
C SER A 168 18.46 -11.28 -17.17
N GLY A 169 18.04 -12.37 -17.79
CA GLY A 169 17.94 -13.67 -17.13
C GLY A 169 17.79 -14.73 -18.18
N LEU A 170 17.83 -16.00 -17.78
CA LEU A 170 17.68 -17.08 -18.74
C LEU A 170 17.03 -18.28 -18.10
N THR A 171 16.35 -19.09 -18.93
CA THR A 171 15.65 -20.32 -18.54
C THR A 171 16.05 -21.42 -19.52
N SER A 172 16.40 -22.62 -19.02
CA SER A 172 16.61 -23.79 -19.88
C SER A 172 15.45 -24.75 -19.56
N THR A 173 14.89 -25.41 -20.58
CA THR A 173 13.79 -26.37 -20.37
C THR A 173 14.29 -27.80 -20.54
N LYS A 174 15.63 -27.98 -20.45
CA LYS A 174 16.27 -29.29 -20.50
C LYS A 174 16.98 -29.49 -19.18
N ASN A 175 16.80 -30.67 -18.56
CA ASN A 175 17.49 -31.04 -17.33
C ASN A 175 17.61 -32.55 -17.24
N TYR A 176 18.85 -33.03 -17.03
CA TYR A 176 19.15 -34.46 -16.94
C TYR A 176 18.67 -35.23 -18.16
N GLY A 177 19.02 -34.73 -19.34
CA GLY A 177 18.75 -35.39 -20.61
C GLY A 177 17.32 -35.40 -21.10
N LYS A 178 16.41 -34.64 -20.46
CA LYS A 178 15.04 -34.62 -20.95
C LYS A 178 14.38 -33.26 -20.81
N THR A 179 13.29 -33.07 -21.55
CA THR A 179 12.50 -31.84 -21.47
C THR A 179 11.79 -31.83 -20.11
N ILE A 180 11.91 -30.71 -19.38
CA ILE A 180 11.19 -30.60 -18.10
C ILE A 180 9.66 -30.42 -18.36
N LEU A 181 8.83 -30.75 -17.36
CA LEU A 181 7.38 -30.57 -17.45
C LEU A 181 7.07 -29.07 -17.60
N THR A 182 5.92 -28.73 -18.21
CA THR A 182 5.58 -27.29 -18.32
C THR A 182 5.35 -26.73 -16.92
N LYS A 183 4.80 -27.52 -15.97
CA LYS A 183 4.61 -27.07 -14.59
C LYS A 183 5.97 -26.71 -13.93
N GLU A 184 7.06 -27.41 -14.33
CA GLU A 184 8.42 -27.15 -13.84
C GLU A 184 8.99 -25.91 -14.53
N ALA A 185 8.80 -25.80 -15.86
CA ALA A 185 9.30 -24.64 -16.63
C ALA A 185 8.73 -23.33 -16.13
N ASP A 186 7.41 -23.32 -15.79
CA ASP A 186 6.75 -22.13 -15.24
C ASP A 186 7.46 -21.67 -13.97
N LEU A 187 7.83 -22.62 -13.08
CA LEU A 187 8.53 -22.32 -11.82
C LEU A 187 9.94 -21.79 -12.05
N VAL A 188 10.65 -22.30 -13.07
CA VAL A 188 12.00 -21.79 -13.41
C VAL A 188 11.92 -20.30 -13.74
N THR A 189 11.09 -19.94 -14.73
CA THR A 189 10.97 -18.56 -15.19
C THR A 189 10.45 -17.65 -14.08
N THR A 190 9.49 -18.15 -13.26
CA THR A 190 8.97 -17.37 -12.11
C THR A 190 10.14 -17.05 -11.16
N HIS A 191 10.99 -18.06 -10.84
CA HIS A 191 12.15 -17.92 -9.95
C HIS A 191 13.16 -16.91 -10.49
N GLU A 192 13.52 -17.02 -11.79
CA GLU A 192 14.51 -16.12 -12.39
C GLU A 192 14.00 -14.70 -12.47
N LEU A 193 12.73 -14.53 -12.87
CA LEU A 193 12.11 -13.20 -12.91
C LEU A 193 12.00 -12.64 -11.49
N GLY A 194 11.88 -13.53 -10.50
CA GLY A 194 11.85 -13.15 -9.07
C GLY A 194 13.14 -12.49 -8.65
N HIS A 195 14.28 -13.03 -9.11
CA HIS A 195 15.59 -12.38 -8.87
C HIS A 195 15.61 -11.02 -9.55
N ASN A 196 15.12 -10.95 -10.82
CA ASN A 196 15.05 -9.68 -11.57
C ASN A 196 14.23 -8.63 -10.83
N PHE A 197 13.13 -9.06 -10.20
CA PHE A 197 12.25 -8.21 -9.42
C PHE A 197 12.83 -7.86 -8.03
N GLY A 198 14.02 -8.37 -7.71
CA GLY A 198 14.72 -8.05 -6.46
C GLY A 198 14.78 -9.07 -5.34
N ALA A 199 14.16 -10.23 -5.52
CA ALA A 199 14.15 -11.26 -4.48
C ALA A 199 15.46 -12.05 -4.41
N GLU A 200 15.88 -12.40 -3.19
CA GLU A 200 17.02 -13.29 -2.94
C GLU A 200 16.41 -14.67 -2.70
N HIS A 201 17.26 -15.68 -2.51
CA HIS A 201 16.75 -17.01 -2.20
C HIS A 201 16.17 -17.04 -0.79
N ASP A 202 15.14 -17.86 -0.57
CA ASP A 202 14.53 -18.03 0.75
C ASP A 202 15.50 -18.82 1.65
N PRO A 203 15.88 -18.30 2.85
CA PRO A 203 16.83 -19.04 3.68
C PRO A 203 16.17 -20.09 4.58
N ASP A 204 16.87 -21.22 4.86
CA ASP A 204 16.38 -22.28 5.77
C ASP A 204 16.09 -21.74 7.18
N GLY A 205 16.90 -20.77 7.61
CA GLY A 205 16.79 -20.16 8.94
C GLY A 205 15.51 -19.40 9.26
N LEU A 206 14.66 -19.16 8.25
CA LEU A 206 13.38 -18.46 8.48
C LEU A 206 12.26 -19.39 8.05
N ALA A 207 11.70 -20.16 9.02
CA ALA A 207 10.65 -21.15 8.80
C ALA A 207 9.43 -20.62 8.05
N GLU A 208 9.04 -19.35 8.32
CA GLU A 208 7.93 -18.68 7.64
C GLU A 208 8.19 -18.64 6.11
N CYS A 209 9.47 -18.46 5.70
CA CYS A 209 9.88 -18.36 4.29
C CYS A 209 10.36 -19.67 3.65
N ALA A 210 10.59 -20.72 4.46
CA ALA A 210 11.02 -22.03 3.93
C ALA A 210 10.29 -23.12 4.74
N PRO A 211 8.95 -23.27 4.57
CA PRO A 211 8.22 -24.25 5.41
C PRO A 211 8.50 -25.71 5.11
N ASN A 212 8.11 -26.60 6.05
CA ASN A 212 8.23 -28.04 5.92
C ASN A 212 7.17 -28.53 4.92
N GLU A 213 7.34 -29.76 4.36
CA GLU A 213 6.43 -30.36 3.37
C GLU A 213 4.95 -30.45 3.78
N ASP A 214 4.67 -30.61 5.10
CA ASP A 214 3.30 -30.69 5.61
C ASP A 214 2.70 -29.31 5.88
N GLN A 215 3.55 -28.26 5.88
CA GLN A 215 3.14 -26.86 6.08
C GLN A 215 2.98 -26.15 4.70
N GLY A 216 2.91 -26.95 3.63
CA GLY A 216 2.72 -26.49 2.26
C GLY A 216 3.96 -26.54 1.39
N GLY A 217 5.11 -26.89 1.97
CA GLY A 217 6.38 -26.96 1.25
C GLY A 217 7.02 -25.61 1.02
N LYS A 218 8.03 -25.59 0.15
CA LYS A 218 8.82 -24.41 -0.17
C LYS A 218 8.13 -23.43 -1.11
N TYR A 219 8.54 -22.16 -1.04
CA TYR A 219 8.04 -21.11 -1.93
C TYR A 219 8.95 -21.06 -3.16
N VAL A 220 8.55 -20.30 -4.19
CA VAL A 220 9.27 -20.22 -5.47
C VAL A 220 10.75 -19.81 -5.41
N MET A 221 11.12 -18.93 -4.45
CA MET A 221 12.50 -18.46 -4.31
C MET A 221 13.45 -19.38 -3.53
N TYR A 222 13.01 -20.63 -3.22
CA TYR A 222 13.88 -21.61 -2.58
C TYR A 222 15.01 -21.96 -3.56
N PRO A 223 16.28 -22.14 -3.10
CA PRO A 223 17.36 -22.36 -4.07
C PRO A 223 17.29 -23.70 -4.82
N ILE A 224 16.60 -24.69 -4.25
CA ILE A 224 16.49 -26.05 -4.78
C ILE A 224 15.14 -26.22 -5.47
N ALA A 225 15.16 -26.72 -6.74
CA ALA A 225 13.93 -27.04 -7.48
C ALA A 225 13.40 -28.33 -6.84
N VAL A 226 12.32 -28.21 -6.11
CA VAL A 226 11.80 -29.33 -5.35
C VAL A 226 10.35 -29.78 -5.66
N SER A 227 10.13 -30.44 -6.84
CA SER A 227 8.90 -31.11 -7.36
C SER A 227 7.86 -30.29 -8.16
N GLY A 228 7.11 -29.42 -7.50
CA GLY A 228 6.10 -28.60 -8.13
C GLY A 228 4.66 -28.88 -7.72
N ASP A 229 4.46 -29.96 -6.92
CA ASP A 229 3.15 -30.41 -6.48
C ASP A 229 2.68 -29.90 -5.10
N HIS A 230 3.53 -29.17 -4.37
CA HIS A 230 3.17 -28.65 -3.05
C HIS A 230 2.52 -27.27 -3.15
N GLU A 231 1.60 -26.96 -2.22
CA GLU A 231 0.80 -25.72 -2.18
C GLU A 231 1.57 -24.41 -2.36
N ASN A 232 2.69 -24.25 -1.64
CA ASN A 232 3.51 -23.04 -1.66
C ASN A 232 4.40 -22.87 -2.88
N ASN A 233 4.67 -23.95 -3.63
CA ASN A 233 5.60 -23.96 -4.77
C ASN A 233 5.43 -22.83 -5.80
N LYS A 234 4.18 -22.49 -6.13
CA LYS A 234 3.85 -21.45 -7.12
C LYS A 234 3.50 -20.10 -6.47
N MET A 235 4.07 -19.81 -5.29
CA MET A 235 3.82 -18.57 -4.57
C MET A 235 5.14 -17.98 -4.06
N PHE A 236 5.15 -16.66 -3.82
CA PHE A 236 6.30 -15.98 -3.25
C PHE A 236 6.14 -15.95 -1.74
N SER A 237 7.26 -16.18 -1.00
CA SER A 237 7.26 -16.14 0.47
C SER A 237 7.12 -14.66 0.92
N GLN A 238 6.95 -14.44 2.22
CA GLN A 238 6.89 -13.10 2.79
C GLN A 238 8.26 -12.40 2.66
N CYS A 239 9.36 -13.19 2.66
CA CYS A 239 10.73 -12.71 2.47
C CYS A 239 10.89 -12.12 1.08
N SER A 240 10.43 -12.86 0.04
CA SER A 240 10.43 -12.40 -1.35
C SER A 240 9.55 -11.17 -1.52
N LYS A 241 8.34 -11.18 -0.93
CA LYS A 241 7.39 -10.06 -1.04
C LYS A 241 7.99 -8.75 -0.53
N GLN A 242 8.62 -8.79 0.67
CA GLN A 242 9.30 -7.64 1.27
C GLN A 242 10.37 -7.05 0.34
N SER A 243 11.22 -7.91 -0.27
CA SER A 243 12.26 -7.49 -1.21
C SER A 243 11.68 -6.91 -2.49
N ILE A 244 10.69 -7.61 -3.11
CA ILE A 244 10.06 -7.19 -4.37
C ILE A 244 9.26 -5.91 -4.18
N TYR A 245 8.55 -5.80 -3.03
CA TYR A 245 7.76 -4.62 -2.69
C TYR A 245 8.63 -3.37 -2.76
N LYS A 246 9.82 -3.41 -2.12
CA LYS A 246 10.79 -2.30 -2.18
C LYS A 246 11.30 -2.05 -3.61
N THR A 247 11.42 -3.10 -4.44
CA THR A 247 11.89 -2.91 -5.82
C THR A 247 10.82 -2.20 -6.67
N ILE A 248 9.57 -2.72 -6.67
CA ILE A 248 8.48 -2.17 -7.45
C ILE A 248 8.28 -0.69 -7.15
N GLU A 249 8.24 -0.34 -5.86
CA GLU A 249 8.08 1.02 -5.32
C GLU A 249 9.10 2.03 -5.92
N SER A 250 10.34 1.63 -6.17
CA SER A 250 11.35 2.53 -6.75
C SER A 250 11.56 2.38 -8.26
N LYS A 251 11.18 1.22 -8.86
CA LYS A 251 11.40 0.90 -10.28
C LYS A 251 10.22 1.06 -11.23
N ALA A 252 8.96 0.96 -10.73
CA ALA A 252 7.77 1.06 -11.59
C ALA A 252 7.72 2.35 -12.40
N GLN A 253 7.95 3.51 -11.74
CA GLN A 253 7.94 4.81 -12.41
C GLN A 253 9.07 4.95 -13.43
N GLU A 254 10.17 4.23 -13.22
CA GLU A 254 11.34 4.25 -14.10
C GLU A 254 11.11 3.56 -15.44
N CYS A 255 10.58 2.31 -15.45
CA CYS A 255 10.43 1.61 -16.72
C CYS A 255 9.14 0.79 -16.92
N PHE A 256 8.23 0.75 -15.94
CA PHE A 256 6.99 -0.03 -16.12
C PHE A 256 6.01 0.72 -17.01
N GLN A 257 5.17 -0.01 -17.72
CA GLN A 257 4.22 0.56 -18.66
C GLN A 257 2.79 0.12 -18.36
N GLU A 258 1.85 0.60 -19.16
CA GLU A 258 0.45 0.25 -19.02
C GLU A 258 0.27 -1.16 -19.59
N ARG A 259 -0.57 -1.97 -18.92
CA ARG A 259 -0.89 -3.32 -19.38
C ARG A 259 -1.63 -3.22 -20.70
N SER A 260 -1.23 -4.01 -21.71
CA SER A 260 -1.87 -4.06 -23.03
C SER A 260 -3.09 -4.98 -22.98
N MET B 7 -32.40 30.25 20.72
CA MET B 7 -32.37 30.31 19.25
C MET B 7 -30.97 29.96 18.72
N LYS B 8 -29.90 30.46 19.39
CA LYS B 8 -28.50 30.19 19.04
C LYS B 8 -28.19 28.73 19.46
N ASN B 9 -28.53 27.79 18.58
CA ASN B 9 -28.43 26.35 18.86
C ASN B 9 -27.49 25.54 17.98
N THR B 10 -26.78 26.19 17.05
CA THR B 10 -25.95 25.48 16.07
C THR B 10 -24.48 25.82 16.13
N CYS B 11 -23.63 24.78 16.21
CA CYS B 11 -22.19 24.92 16.16
C CYS B 11 -21.85 24.70 14.68
N LYS B 12 -21.47 25.78 13.98
CA LYS B 12 -21.11 25.72 12.57
C LYS B 12 -19.74 25.09 12.41
N LEU B 13 -19.59 24.18 11.45
CA LEU B 13 -18.35 23.44 11.25
C LEU B 13 -17.62 23.75 9.98
N LEU B 14 -16.28 23.72 10.07
CA LEU B 14 -15.42 23.72 8.92
C LEU B 14 -15.03 22.26 8.81
N VAL B 15 -15.39 21.62 7.69
CA VAL B 15 -15.07 20.20 7.49
C VAL B 15 -13.94 20.09 6.48
N VAL B 16 -12.85 19.41 6.86
CA VAL B 16 -11.69 19.24 5.99
C VAL B 16 -11.44 17.77 5.71
N ALA B 17 -11.41 17.42 4.41
CA ALA B 17 -11.10 16.08 3.94
C ALA B 17 -9.69 16.15 3.37
N ASP B 18 -8.74 15.36 3.93
CA ASP B 18 -7.36 15.35 3.44
C ASP B 18 -7.22 14.47 2.19
N HIS B 19 -5.99 14.40 1.60
CA HIS B 19 -5.74 13.58 0.39
C HIS B 19 -5.95 12.09 0.62
N ARG B 20 -5.75 11.59 1.87
CA ARG B 20 -5.93 10.18 2.22
C ARG B 20 -7.42 9.82 2.22
N PHE B 21 -8.26 10.68 2.82
CA PHE B 21 -9.70 10.51 2.85
C PHE B 21 -10.26 10.61 1.41
N TYR B 22 -9.85 11.64 0.65
CA TYR B 22 -10.25 11.85 -0.74
C TYR B 22 -9.97 10.62 -1.64
N ARG B 23 -8.76 10.05 -1.52
CA ARG B 23 -8.30 8.88 -2.28
C ARG B 23 -8.98 7.57 -1.86
N TYR B 24 -8.92 7.24 -0.56
CA TYR B 24 -9.39 5.97 -0.03
C TYR B 24 -10.84 5.88 0.45
N MET B 25 -11.53 7.03 0.61
CA MET B 25 -12.92 7.06 1.02
C MET B 25 -13.84 7.63 -0.06
N GLY B 26 -13.37 8.67 -0.75
CA GLY B 26 -14.13 9.33 -1.79
C GLY B 26 -13.81 8.89 -3.21
N ARG B 27 -13.01 7.80 -3.37
CA ARG B 27 -12.56 7.19 -4.64
C ARG B 27 -11.87 8.16 -5.64
N GLY B 28 -11.40 9.29 -5.13
CA GLY B 28 -10.74 10.33 -5.90
C GLY B 28 -11.71 11.30 -6.57
N GLU B 29 -12.94 11.40 -6.04
CA GLU B 29 -13.98 12.29 -6.58
C GLU B 29 -14.45 13.29 -5.54
N GLU B 30 -14.59 14.56 -5.97
CA GLU B 30 -15.05 15.68 -5.16
C GLU B 30 -16.51 15.43 -4.73
N SER B 31 -17.37 15.02 -5.68
CA SER B 31 -18.79 14.72 -5.46
C SER B 31 -19.00 13.63 -4.38
N THR B 32 -18.31 12.47 -4.54
CA THR B 32 -18.41 11.33 -3.62
C THR B 32 -17.91 11.69 -2.22
N THR B 33 -16.76 12.39 -2.13
CA THR B 33 -16.17 12.85 -0.85
C THR B 33 -17.16 13.78 -0.13
N THR B 34 -17.73 14.77 -0.85
CA THR B 34 -18.69 15.75 -0.32
C THR B 34 -19.95 15.07 0.20
N ASN B 35 -20.54 14.18 -0.61
CA ASN B 35 -21.75 13.44 -0.28
C ASN B 35 -21.59 12.60 0.99
N TYR B 36 -20.45 11.86 1.11
CA TYR B 36 -20.15 11.05 2.29
C TYR B 36 -20.17 11.92 3.56
N LEU B 37 -19.46 13.06 3.52
CA LEU B 37 -19.35 14.01 4.64
C LEU B 37 -20.64 14.72 4.99
N ILE B 38 -21.41 15.18 3.97
CA ILE B 38 -22.70 15.83 4.20
C ILE B 38 -23.64 14.87 4.94
N GLU B 39 -23.74 13.61 4.44
CA GLU B 39 -24.60 12.58 5.04
C GLU B 39 -24.17 12.19 6.45
N LEU B 40 -22.85 12.07 6.71
CA LEU B 40 -22.34 11.70 8.04
C LEU B 40 -22.68 12.80 9.04
N ILE B 41 -22.37 14.08 8.70
CA ILE B 41 -22.66 15.20 9.61
C ILE B 41 -24.16 15.31 9.88
N ASP B 42 -24.99 15.09 8.85
CA ASP B 42 -26.45 15.11 9.05
C ASP B 42 -26.90 14.03 10.07
N ARG B 43 -26.33 12.82 9.99
CA ARG B 43 -26.68 11.73 10.94
C ARG B 43 -26.18 11.99 12.36
N VAL B 44 -24.96 12.53 12.49
CA VAL B 44 -24.36 12.89 13.79
C VAL B 44 -25.21 14.01 14.40
N ASP B 45 -25.64 14.98 13.56
CA ASP B 45 -26.51 16.08 14.02
C ASP B 45 -27.81 15.53 14.62
N ASP B 46 -28.43 14.47 14.00
CA ASP B 46 -29.65 13.86 14.54
C ASP B 46 -29.47 13.41 15.99
N ILE B 47 -28.31 12.80 16.31
CA ILE B 47 -27.97 12.36 17.68
C ILE B 47 -27.95 13.55 18.63
N TYR B 48 -27.22 14.61 18.25
CA TYR B 48 -27.09 15.83 19.07
C TYR B 48 -28.43 16.53 19.31
N ARG B 49 -29.23 16.73 18.24
CA ARG B 49 -30.53 17.42 18.31
C ARG B 49 -31.53 16.76 19.24
N ASN B 50 -31.53 15.41 19.26
CA ASN B 50 -32.44 14.63 20.10
C ASN B 50 -31.95 14.49 21.55
N THR B 51 -30.72 14.94 21.84
CA THR B 51 -30.19 14.85 23.20
C THR B 51 -30.75 15.97 24.08
N ALA B 52 -31.39 15.61 25.21
CA ALA B 52 -31.90 16.56 26.21
C ALA B 52 -30.83 16.63 27.31
N TRP B 53 -29.99 17.68 27.24
CA TRP B 53 -28.85 17.91 28.14
C TRP B 53 -29.19 18.03 29.64
N ASP B 54 -30.48 18.31 29.97
CA ASP B 54 -31.00 18.44 31.33
C ASP B 54 -32.07 17.36 31.63
N ASN B 55 -32.31 16.44 30.66
CA ASN B 55 -33.31 15.36 30.69
C ASN B 55 -34.75 15.87 30.71
N ALA B 56 -34.98 17.03 30.08
CA ALA B 56 -36.30 17.65 29.98
C ALA B 56 -36.50 18.11 28.54
N GLY B 57 -36.63 19.42 28.34
CA GLY B 57 -36.84 20.01 27.02
C GLY B 57 -35.63 20.75 26.47
N PHE B 58 -34.49 20.73 27.22
CA PHE B 58 -33.28 21.41 26.76
C PHE B 58 -32.57 20.57 25.72
N LYS B 59 -33.15 20.58 24.51
CA LYS B 59 -32.64 19.87 23.35
C LYS B 59 -32.69 20.80 22.14
N GLY B 60 -32.40 20.27 20.96
CA GLY B 60 -32.41 21.06 19.72
C GLY B 60 -31.06 21.68 19.43
N TYR B 61 -30.01 21.28 20.19
CA TYR B 61 -28.64 21.76 19.98
C TYR B 61 -27.91 20.79 19.07
N GLY B 62 -27.15 21.31 18.12
CA GLY B 62 -26.44 20.46 17.20
C GLY B 62 -25.40 21.14 16.36
N ILE B 63 -25.12 20.54 15.22
CA ILE B 63 -24.06 20.98 14.31
C ILE B 63 -24.60 21.18 12.90
N GLN B 64 -23.82 21.86 12.07
CA GLN B 64 -24.15 22.12 10.67
C GLN B 64 -22.88 22.46 9.93
N ILE B 65 -22.66 21.86 8.76
CA ILE B 65 -21.49 22.18 7.95
C ILE B 65 -21.66 23.62 7.41
N GLU B 66 -20.67 24.47 7.66
CA GLU B 66 -20.67 25.84 7.15
C GLU B 66 -19.84 25.87 5.89
N GLN B 67 -18.74 25.09 5.86
CA GLN B 67 -17.84 25.02 4.71
C GLN B 67 -17.13 23.67 4.64
N ILE B 68 -16.94 23.14 3.42
CA ILE B 68 -16.21 21.89 3.17
C ILE B 68 -14.95 22.23 2.38
N ARG B 69 -13.81 21.65 2.79
CA ARG B 69 -12.54 21.83 2.10
C ARG B 69 -12.00 20.46 1.76
N ILE B 70 -11.98 20.13 0.47
CA ILE B 70 -11.49 18.84 -0.01
C ILE B 70 -10.08 19.04 -0.55
N LEU B 71 -9.10 18.31 -0.01
CA LEU B 71 -7.72 18.41 -0.45
C LEU B 71 -7.40 17.25 -1.38
N LYS B 72 -7.45 17.52 -2.69
CA LYS B 72 -7.27 16.55 -3.77
C LYS B 72 -5.90 15.88 -3.83
N SER B 73 -4.84 16.60 -3.45
CA SER B 73 -3.48 16.09 -3.49
C SER B 73 -2.65 16.44 -2.24
N PRO B 74 -1.53 15.73 -1.95
CA PRO B 74 -0.72 16.08 -0.76
C PRO B 74 -0.10 17.47 -0.84
N GLN B 75 0.25 18.04 0.32
CA GLN B 75 0.89 19.35 0.41
C GLN B 75 2.39 19.16 0.26
N GLU B 76 3.01 19.93 -0.65
CA GLU B 76 4.45 19.90 -0.89
C GLU B 76 5.14 20.59 0.29
N VAL B 77 6.08 19.88 0.94
CA VAL B 77 6.78 20.39 2.12
C VAL B 77 8.26 20.71 1.89
N LYS B 78 8.70 21.88 2.39
CA LYS B 78 10.10 22.33 2.36
C LYS B 78 10.88 21.40 3.32
N PRO B 79 12.19 21.11 3.11
CA PRO B 79 12.89 20.16 4.00
C PRO B 79 12.84 20.49 5.49
N GLY B 80 12.48 19.49 6.28
CA GLY B 80 12.34 19.62 7.74
C GLY B 80 10.96 20.09 8.19
N GLU B 81 10.27 20.84 7.31
CA GLU B 81 8.93 21.38 7.55
C GLU B 81 7.88 20.27 7.44
N LYS B 82 6.79 20.41 8.21
CA LYS B 82 5.68 19.46 8.20
C LYS B 82 4.34 20.16 7.95
N HIS B 83 3.33 19.38 7.53
CA HIS B 83 1.98 19.84 7.24
C HIS B 83 1.04 18.65 7.44
N TYR B 84 -0.18 18.88 7.97
CA TYR B 84 -1.15 17.79 8.21
C TYR B 84 -1.52 16.97 6.96
N ASN B 85 -1.50 17.63 5.79
CA ASN B 85 -1.85 17.03 4.50
C ASN B 85 -0.63 16.54 3.66
N MET B 86 0.57 16.44 4.29
CA MET B 86 1.76 15.96 3.59
C MET B 86 1.68 14.45 3.27
N ALA B 87 2.49 13.96 2.31
CA ALA B 87 2.49 12.57 1.86
C ALA B 87 2.91 11.55 2.95
N LYS B 88 4.00 11.84 3.67
CA LYS B 88 4.52 10.92 4.69
C LYS B 88 3.91 11.13 6.06
N SER B 89 3.93 10.07 6.89
CA SER B 89 3.46 10.10 8.28
C SER B 89 4.55 10.75 9.14
N TYR B 90 4.19 11.25 10.33
CA TYR B 90 5.12 11.88 11.26
C TYR B 90 4.81 11.41 12.70
N PRO B 91 5.81 11.01 13.53
CA PRO B 91 7.27 11.05 13.32
C PRO B 91 7.89 9.97 12.44
N ASN B 92 7.23 8.80 12.30
CA ASN B 92 7.77 7.70 11.50
C ASN B 92 7.16 7.59 10.11
N GLU B 93 7.97 7.90 9.08
CA GLU B 93 7.59 7.84 7.65
C GLU B 93 7.27 6.41 7.22
N GLU B 94 7.88 5.42 7.90
CA GLU B 94 7.72 3.98 7.65
C GLU B 94 6.28 3.51 7.94
N LYS B 95 5.71 3.95 9.08
CA LYS B 95 4.36 3.59 9.51
C LYS B 95 3.25 4.25 8.68
N ASP B 96 2.07 3.62 8.66
CA ASP B 96 0.88 4.09 7.94
C ASP B 96 0.35 5.42 8.50
N ALA B 97 0.41 5.60 9.82
CA ALA B 97 -0.14 6.78 10.49
C ALA B 97 0.83 7.63 11.29
N TRP B 98 0.41 8.89 11.50
CA TRP B 98 1.06 9.89 12.33
C TRP B 98 0.84 9.50 13.79
N ASP B 99 1.54 10.19 14.71
CA ASP B 99 1.26 10.11 16.12
C ASP B 99 -0.01 10.99 16.18
N VAL B 100 -1.14 10.44 16.66
CA VAL B 100 -2.42 11.17 16.68
C VAL B 100 -2.35 12.58 17.33
N LYS B 101 -1.67 12.71 18.47
CA LYS B 101 -1.52 13.98 19.18
C LYS B 101 -0.79 15.03 18.34
N MET B 102 0.30 14.62 17.73
CA MET B 102 1.11 15.46 16.84
C MET B 102 0.33 15.91 15.61
N LEU B 103 -0.51 15.00 15.04
CA LEU B 103 -1.32 15.32 13.87
C LEU B 103 -2.37 16.39 14.17
N LEU B 104 -3.09 16.26 15.32
CA LEU B 104 -4.11 17.24 15.71
C LEU B 104 -3.48 18.61 15.95
N GLU B 105 -2.31 18.66 16.59
CA GLU B 105 -1.59 19.92 16.84
C GLU B 105 -1.18 20.55 15.50
N GLN B 106 -0.66 19.73 14.55
CA GLN B 106 -0.24 20.16 13.20
C GLN B 106 -1.43 20.67 12.39
N PHE B 107 -2.59 19.98 12.46
CA PHE B 107 -3.80 20.42 11.77
C PHE B 107 -4.24 21.79 12.33
N SER B 108 -4.23 21.95 13.68
CA SER B 108 -4.63 23.19 14.35
C SER B 108 -3.74 24.38 13.94
N PHE B 109 -2.44 24.12 13.74
CA PHE B 109 -1.47 25.13 13.31
C PHE B 109 -1.78 25.59 11.87
N ASP B 110 -1.95 24.63 10.95
CA ASP B 110 -2.21 24.91 9.53
C ASP B 110 -3.56 25.54 9.19
N ILE B 111 -4.61 25.25 9.98
CA ILE B 111 -5.97 25.74 9.75
C ILE B 111 -6.36 26.95 10.60
N ALA B 112 -5.41 27.44 11.44
CA ALA B 112 -5.63 28.53 12.38
C ALA B 112 -6.41 29.72 11.84
N GLU B 113 -6.02 30.23 10.67
CA GLU B 113 -6.68 31.37 10.05
C GLU B 113 -8.17 31.08 9.75
N GLU B 114 -8.49 29.88 9.24
CA GLU B 114 -9.87 29.47 8.97
C GLU B 114 -10.61 29.08 10.24
N ALA B 115 -9.93 28.40 11.19
CA ALA B 115 -10.51 27.96 12.48
C ALA B 115 -10.99 29.13 13.33
N SER B 116 -10.34 30.31 13.20
CA SER B 116 -10.68 31.53 13.94
C SER B 116 -12.08 32.08 13.65
N LYS B 117 -12.65 31.69 12.52
CA LYS B 117 -13.95 32.19 12.05
C LYS B 117 -15.14 31.23 12.22
N VAL B 118 -14.90 30.01 12.74
CA VAL B 118 -15.95 29.00 12.94
C VAL B 118 -15.97 28.44 14.35
N CYS B 119 -17.11 27.84 14.75
CA CYS B 119 -17.31 27.21 16.05
C CYS B 119 -16.30 26.06 16.22
N LEU B 120 -16.20 25.17 15.21
CA LEU B 120 -15.25 24.05 15.19
C LEU B 120 -14.74 23.76 13.81
N ALA B 121 -13.52 23.20 13.74
CA ALA B 121 -12.90 22.71 12.50
C ALA B 121 -12.66 21.21 12.74
N HIS B 122 -13.04 20.36 11.78
CA HIS B 122 -12.88 18.92 11.92
C HIS B 122 -12.15 18.32 10.73
N LEU B 123 -11.09 17.55 11.00
CA LEU B 123 -10.30 16.88 9.96
C LEU B 123 -10.78 15.44 9.79
N PHE B 124 -11.00 15.05 8.53
CA PHE B 124 -11.36 13.69 8.17
C PHE B 124 -10.19 13.08 7.44
N THR B 125 -9.62 12.02 8.01
CA THR B 125 -8.46 11.33 7.43
C THR B 125 -8.67 9.82 7.29
N TYR B 126 -7.65 9.11 6.78
CA TYR B 126 -7.66 7.66 6.59
C TYR B 126 -6.27 7.15 7.01
N GLN B 127 -6.09 7.02 8.34
CA GLN B 127 -4.82 6.59 8.97
C GLN B 127 -5.07 5.59 10.09
N ASP B 128 -4.27 4.51 10.13
CA ASP B 128 -4.39 3.47 11.15
C ASP B 128 -3.55 3.80 12.39
N PHE B 129 -4.11 4.61 13.31
CA PHE B 129 -3.43 5.01 14.54
C PHE B 129 -3.19 3.82 15.46
N ASP B 130 -2.14 3.88 16.26
CA ASP B 130 -1.79 2.80 17.18
C ASP B 130 -2.83 2.61 18.29
N MET B 131 -2.89 1.38 18.86
CA MET B 131 -3.75 0.97 19.99
C MET B 131 -5.27 1.17 19.79
N GLY B 132 -5.73 1.06 18.54
CA GLY B 132 -7.14 1.17 18.20
C GLY B 132 -7.76 2.55 18.30
N THR B 133 -6.92 3.62 18.34
CA THR B 133 -7.38 5.01 18.40
C THR B 133 -7.98 5.39 17.06
N LEU B 134 -9.17 6.01 17.07
CA LEU B 134 -9.86 6.39 15.84
C LEU B 134 -9.98 7.89 15.65
N GLY B 135 -9.74 8.65 16.71
CA GLY B 135 -9.82 10.10 16.63
C GLY B 135 -9.20 10.79 17.81
N LEU B 136 -9.26 12.12 17.79
CA LEU B 136 -8.74 12.97 18.86
C LEU B 136 -9.38 14.35 18.75
N ALA B 137 -9.69 14.99 19.88
CA ALA B 137 -10.31 16.32 19.90
C ALA B 137 -10.00 17.04 21.20
N TYR B 138 -9.92 18.37 21.16
CA TYR B 138 -9.64 19.17 22.37
C TYR B 138 -10.94 19.52 23.10
N GLY B 139 -10.83 19.80 24.40
CA GLY B 139 -11.96 20.22 25.22
C GLY B 139 -12.23 19.34 26.42
N GLY B 140 -11.76 18.10 26.35
CA GLY B 140 -11.95 17.10 27.38
C GLY B 140 -10.70 16.49 27.99
N SER B 141 -9.52 17.17 27.88
CA SER B 141 -8.25 16.66 28.47
C SER B 141 -7.32 17.76 29.05
N PRO B 142 -6.71 17.62 30.27
CA PRO B 142 -6.72 16.44 31.20
C PRO B 142 -8.01 16.12 31.95
N ARG B 143 -8.91 17.10 32.04
CA ARG B 143 -10.20 16.89 32.69
C ARG B 143 -11.31 17.35 31.72
N ALA B 144 -12.58 17.28 32.17
CA ALA B 144 -13.72 17.79 31.42
C ALA B 144 -13.60 19.31 31.38
N ASN B 145 -14.14 19.96 30.34
CA ASN B 145 -14.11 21.43 30.19
C ASN B 145 -12.70 22.03 30.31
N SER B 146 -11.70 21.39 29.66
CA SER B 146 -10.29 21.84 29.62
C SER B 146 -10.16 22.91 28.53
N HIS B 147 -8.90 23.28 28.18
CA HIS B 147 -8.62 24.24 27.10
C HIS B 147 -9.12 23.65 25.79
N GLY B 148 -9.65 24.50 24.92
CA GLY B 148 -10.11 24.04 23.62
C GLY B 148 -11.57 23.66 23.55
N GLY B 149 -11.94 23.04 22.43
CA GLY B 149 -13.32 22.67 22.17
C GLY B 149 -14.06 23.80 21.48
N VAL B 150 -15.42 23.79 21.54
CA VAL B 150 -16.28 24.77 20.86
C VAL B 150 -15.92 26.23 21.11
N CYS B 151 -16.00 27.04 20.05
CA CYS B 151 -15.76 28.49 20.04
C CYS B 151 -14.28 28.86 20.00
N PRO B 152 -13.84 29.57 18.93
CA PRO B 152 -12.42 29.92 18.80
C PRO B 152 -11.92 30.87 19.89
N LYS B 153 -10.73 30.58 20.39
CA LYS B 153 -10.03 31.35 21.42
C LYS B 153 -8.55 31.17 21.11
N ALA B 154 -7.85 32.29 20.85
CA ALA B 154 -6.44 32.24 20.51
C ALA B 154 -5.57 31.77 21.66
N TYR B 155 -4.58 30.93 21.32
CA TYR B 155 -3.52 30.40 22.19
C TYR B 155 -2.23 30.63 21.43
N TYR B 156 -1.31 31.43 22.00
CA TYR B 156 -0.04 31.68 21.32
C TYR B 156 0.84 30.44 21.37
N SER B 157 1.31 30.01 20.20
CA SER B 157 2.22 28.88 20.07
C SER B 157 3.67 29.40 19.94
N PRO B 158 4.53 29.27 20.98
CA PRO B 158 5.90 29.80 20.89
C PRO B 158 6.74 29.23 19.74
N VAL B 159 6.67 27.90 19.47
CA VAL B 159 7.40 27.31 18.33
C VAL B 159 6.76 27.74 17.02
N GLY B 160 5.43 27.81 17.00
CA GLY B 160 4.64 28.23 15.84
C GLY B 160 4.79 29.69 15.46
N LYS B 161 5.19 30.54 16.44
CA LYS B 161 5.40 31.99 16.31
C LYS B 161 4.13 32.72 15.82
N LYS B 162 2.95 32.17 16.19
CA LYS B 162 1.64 32.70 15.85
C LYS B 162 0.55 32.13 16.77
N ASN B 163 -0.64 32.74 16.74
CA ASN B 163 -1.80 32.27 17.48
C ASN B 163 -2.39 31.06 16.76
N ILE B 164 -2.77 30.05 17.52
CA ILE B 164 -3.41 28.85 17.02
C ILE B 164 -4.74 28.74 17.75
N TYR B 165 -5.62 27.85 17.28
CA TYR B 165 -6.92 27.66 17.92
C TYR B 165 -7.12 26.19 18.24
N LEU B 166 -7.71 25.92 19.39
CA LEU B 166 -7.92 24.55 19.87
C LEU B 166 -9.39 24.11 19.71
N ASN B 167 -10.12 24.75 18.77
CA ASN B 167 -11.51 24.41 18.45
C ASN B 167 -11.49 23.37 17.35
N SER B 168 -10.70 22.30 17.56
CA SER B 168 -10.48 21.28 16.55
C SER B 168 -10.58 19.82 17.02
N GLY B 169 -10.76 18.95 16.04
CA GLY B 169 -10.87 17.50 16.25
C GLY B 169 -10.61 16.77 14.96
N LEU B 170 -10.38 15.46 15.05
CA LEU B 170 -10.15 14.64 13.86
C LEU B 170 -10.79 13.27 13.95
N THR B 171 -11.20 12.74 12.81
CA THR B 171 -11.79 11.41 12.66
C THR B 171 -10.99 10.66 11.60
N SER B 172 -10.63 9.39 11.88
CA SER B 172 -10.04 8.49 10.90
C SER B 172 -11.04 7.37 10.65
N THR B 173 -11.17 6.92 9.37
CA THR B 173 -12.08 5.84 8.98
C THR B 173 -11.32 4.53 8.65
N LYS B 174 -10.05 4.44 9.12
CA LYS B 174 -9.19 3.26 8.97
C LYS B 174 -8.81 2.76 10.35
N ASN B 175 -8.92 1.45 10.56
CA ASN B 175 -8.55 0.79 11.80
C ASN B 175 -8.22 -0.68 11.53
N TYR B 176 -7.09 -1.15 12.11
CA TYR B 176 -6.58 -2.52 11.96
C TYR B 176 -6.50 -3.01 10.49
N GLY B 177 -5.93 -2.16 9.64
CA GLY B 177 -5.69 -2.44 8.22
C GLY B 177 -6.89 -2.41 7.29
N LYS B 178 -8.07 -1.98 7.77
CA LYS B 178 -9.27 -1.93 6.93
C LYS B 178 -10.14 -0.71 7.17
N THR B 179 -11.00 -0.40 6.18
CA THR B 179 -11.95 0.71 6.26
C THR B 179 -13.00 0.32 7.32
N ILE B 180 -13.37 1.26 8.20
CA ILE B 180 -14.37 0.96 9.23
C ILE B 180 -15.75 1.12 8.60
N LEU B 181 -16.78 0.53 9.21
CA LEU B 181 -18.16 0.63 8.71
C LEU B 181 -18.64 2.07 8.89
N THR B 182 -19.57 2.53 8.03
CA THR B 182 -20.07 3.91 8.16
C THR B 182 -20.75 4.12 9.52
N LYS B 183 -21.43 3.08 10.06
CA LYS B 183 -22.03 3.20 11.40
C LYS B 183 -20.97 3.48 12.46
N GLU B 184 -19.75 2.92 12.29
CA GLU B 184 -18.62 3.12 13.21
C GLU B 184 -18.04 4.53 13.04
N ALA B 185 -17.95 5.00 11.77
CA ALA B 185 -17.45 6.36 11.47
C ALA B 185 -18.36 7.40 12.11
N ASP B 186 -19.71 7.17 12.11
CA ASP B 186 -20.66 8.10 12.77
C ASP B 186 -20.33 8.21 14.26
N LEU B 187 -20.01 7.07 14.89
CA LEU B 187 -19.68 7.03 16.32
C LEU B 187 -18.36 7.74 16.62
N VAL B 188 -17.35 7.62 15.73
CA VAL B 188 -16.05 8.29 15.91
C VAL B 188 -16.26 9.79 15.95
N THR B 189 -16.97 10.34 14.94
CA THR B 189 -17.24 11.78 14.88
C THR B 189 -18.12 12.26 16.03
N THR B 190 -19.14 11.47 16.43
CA THR B 190 -20.00 11.83 17.57
C THR B 190 -19.15 11.96 18.85
N HIS B 191 -18.26 10.97 19.10
CA HIS B 191 -17.35 10.91 20.26
C HIS B 191 -16.36 12.09 20.26
N GLU B 192 -15.71 12.36 19.12
CA GLU B 192 -14.74 13.46 19.02
C GLU B 192 -15.40 14.83 19.20
N LEU B 193 -16.56 15.04 18.57
CA LEU B 193 -17.32 16.27 18.78
C LEU B 193 -17.81 16.33 20.24
N GLY B 194 -18.04 15.17 20.86
CA GLY B 194 -18.40 15.07 22.27
C GLY B 194 -17.33 15.69 23.15
N HIS B 195 -16.04 15.38 22.88
CA HIS B 195 -14.89 15.99 23.58
C HIS B 195 -14.88 17.51 23.34
N ASN B 196 -15.14 17.94 22.08
CA ASN B 196 -15.21 19.36 21.73
C ASN B 196 -16.31 20.07 22.50
N PHE B 197 -17.46 19.40 22.71
CA PHE B 197 -18.60 19.95 23.47
C PHE B 197 -18.34 19.93 24.98
N GLY B 198 -17.16 19.45 25.39
CA GLY B 198 -16.71 19.47 26.78
C GLY B 198 -16.71 18.16 27.56
N ALA B 199 -17.21 17.07 26.95
CA ALA B 199 -17.30 15.79 27.64
C ALA B 199 -15.96 15.07 27.77
N GLU B 200 -15.75 14.46 28.94
CA GLU B 200 -14.58 13.62 29.13
C GLU B 200 -15.09 12.16 28.97
N HIS B 201 -14.23 11.15 29.08
CA HIS B 201 -14.69 9.77 28.94
C HIS B 201 -15.61 9.34 30.07
N ASP B 202 -16.55 8.44 29.75
CA ASP B 202 -17.40 7.80 30.74
C ASP B 202 -16.50 6.86 31.57
N PRO B 203 -16.89 6.43 32.78
CA PRO B 203 -16.02 5.47 33.50
C PRO B 203 -16.02 4.10 32.81
N ASP B 204 -14.94 3.33 33.00
CA ASP B 204 -14.83 1.99 32.42
C ASP B 204 -15.57 0.98 33.30
N GLY B 205 -15.93 -0.17 32.72
CA GLY B 205 -16.58 -1.25 33.44
C GLY B 205 -18.07 -1.03 33.61
N LEU B 206 -18.59 -1.24 34.83
CA LEU B 206 -20.01 -1.07 35.15
C LEU B 206 -20.22 0.11 36.09
N ALA B 207 -21.09 1.03 35.67
CA ALA B 207 -21.47 2.23 36.41
C ALA B 207 -22.78 2.78 35.82
N GLU B 208 -23.37 3.82 36.45
CA GLU B 208 -24.59 4.45 35.91
C GLU B 208 -24.28 4.98 34.50
N CYS B 209 -23.06 5.50 34.29
CA CYS B 209 -22.65 6.05 33.00
C CYS B 209 -21.96 5.04 32.06
N ALA B 210 -21.97 3.74 32.43
CA ALA B 210 -21.46 2.62 31.62
C ALA B 210 -22.31 1.36 31.90
N PRO B 211 -23.59 1.33 31.43
CA PRO B 211 -24.48 0.19 31.73
C PRO B 211 -24.04 -1.13 31.11
N ASN B 212 -24.63 -2.23 31.61
CA ASN B 212 -24.38 -3.58 31.11
C ASN B 212 -25.09 -3.78 29.76
N GLU B 213 -24.70 -4.84 29.01
CA GLU B 213 -25.26 -5.26 27.72
C GLU B 213 -26.80 -5.35 27.73
N ASP B 214 -27.37 -5.78 28.88
CA ASP B 214 -28.80 -5.93 29.13
C ASP B 214 -29.53 -4.58 29.18
N GLN B 215 -28.86 -3.53 29.69
CA GLN B 215 -29.44 -2.19 29.79
C GLN B 215 -29.17 -1.29 28.56
N GLY B 216 -28.56 -1.87 27.51
CA GLY B 216 -28.25 -1.17 26.27
C GLY B 216 -26.78 -1.02 25.92
N GLY B 217 -25.90 -1.40 26.84
CA GLY B 217 -24.46 -1.31 26.63
C GLY B 217 -23.91 0.07 26.92
N LYS B 218 -22.69 0.33 26.47
CA LYS B 218 -21.98 1.58 26.74
C LYS B 218 -22.48 2.78 25.95
N TYR B 219 -22.31 3.98 26.52
CA TYR B 219 -22.67 5.23 25.85
C TYR B 219 -21.51 5.68 24.94
N VAL B 220 -21.75 6.66 24.06
CA VAL B 220 -20.79 7.14 23.06
C VAL B 220 -19.42 7.59 23.60
N MET B 221 -19.39 8.18 24.80
CA MET B 221 -18.16 8.66 25.43
C MET B 221 -17.39 7.58 26.18
N TYR B 222 -17.75 6.30 25.94
CA TYR B 222 -16.97 5.20 26.53
C TYR B 222 -15.52 5.36 26.02
N PRO B 223 -14.47 5.14 26.87
CA PRO B 223 -13.08 5.42 26.41
C PRO B 223 -12.59 4.75 25.13
N ILE B 224 -13.09 3.53 24.88
CA ILE B 224 -12.70 2.72 23.71
C ILE B 224 -13.90 2.25 22.88
N ALA B 225 -13.66 1.97 21.61
CA ALA B 225 -14.70 1.45 20.72
C ALA B 225 -14.98 0.01 21.17
N VAL B 226 -16.19 -0.23 21.68
CA VAL B 226 -16.57 -1.55 22.22
C VAL B 226 -17.21 -2.48 21.16
N SER B 227 -17.98 -1.91 20.20
CA SER B 227 -18.62 -2.66 19.12
C SER B 227 -19.28 -1.73 18.10
N GLY B 228 -20.08 -0.79 18.60
CA GLY B 228 -20.85 0.12 17.77
C GLY B 228 -22.10 -0.56 17.25
N ASP B 229 -22.52 -1.66 17.91
CA ASP B 229 -23.69 -2.46 17.53
C ASP B 229 -24.75 -2.64 18.63
N HIS B 230 -24.54 -2.04 19.83
CA HIS B 230 -25.49 -2.08 20.94
C HIS B 230 -26.25 -0.75 21.01
N GLU B 231 -27.45 -0.75 21.60
CA GLU B 231 -28.37 0.39 21.68
C GLU B 231 -27.82 1.73 22.19
N ASN B 232 -27.19 1.75 23.38
CA ASN B 232 -26.69 3.00 23.98
C ASN B 232 -25.50 3.65 23.26
N ASN B 233 -24.79 2.88 22.40
CA ASN B 233 -23.57 3.30 21.68
C ASN B 233 -23.67 4.63 20.96
N LYS B 234 -24.87 4.93 20.43
CA LYS B 234 -25.16 6.16 19.71
C LYS B 234 -25.52 7.33 20.62
N MET B 235 -25.80 7.08 21.92
CA MET B 235 -26.31 8.08 22.87
C MET B 235 -25.30 8.60 23.89
N PHE B 236 -25.60 9.76 24.51
CA PHE B 236 -24.78 10.34 25.57
C PHE B 236 -25.23 9.88 26.94
N SER B 237 -24.27 9.60 27.84
CA SER B 237 -24.53 9.20 29.22
C SER B 237 -24.96 10.42 30.02
N GLN B 238 -25.40 10.20 31.27
CA GLN B 238 -25.74 11.29 32.21
C GLN B 238 -24.49 12.12 32.55
N CYS B 239 -23.32 11.45 32.67
CA CYS B 239 -22.02 12.09 32.94
C CYS B 239 -21.63 13.06 31.80
N SER B 240 -21.78 12.64 30.52
CA SER B 240 -21.49 13.47 29.35
C SER B 240 -22.44 14.68 29.30
N LYS B 241 -23.73 14.45 29.59
CA LYS B 241 -24.75 15.51 29.61
C LYS B 241 -24.43 16.64 30.58
N GLN B 242 -23.99 16.32 31.81
CA GLN B 242 -23.66 17.39 32.77
C GLN B 242 -22.43 18.23 32.40
N SER B 243 -21.40 17.61 31.77
CA SER B 243 -20.22 18.35 31.30
C SER B 243 -20.61 19.23 30.09
N ILE B 244 -21.38 18.68 29.14
CA ILE B 244 -21.83 19.38 27.92
C ILE B 244 -22.82 20.51 28.23
N TYR B 245 -23.77 20.26 29.17
CA TYR B 245 -24.78 21.24 29.60
C TYR B 245 -24.09 22.50 30.11
N LYS B 246 -23.02 22.32 30.89
CA LYS B 246 -22.17 23.40 31.42
C LYS B 246 -21.53 24.18 30.26
N THR B 247 -20.98 23.47 29.25
CA THR B 247 -20.38 24.11 28.07
C THR B 247 -21.44 24.94 27.34
N ILE B 248 -22.55 24.30 26.89
CA ILE B 248 -23.64 24.92 26.14
C ILE B 248 -24.13 26.22 26.75
N GLU B 249 -24.45 26.19 28.06
CA GLU B 249 -24.91 27.35 28.82
C GLU B 249 -23.91 28.53 28.73
N SER B 250 -22.60 28.24 28.93
CA SER B 250 -21.55 29.25 28.85
C SER B 250 -21.09 29.61 27.42
N LYS B 251 -21.23 28.68 26.42
CA LYS B 251 -20.72 28.84 25.05
C LYS B 251 -21.69 29.13 23.89
N ALA B 252 -22.99 28.78 24.03
CA ALA B 252 -23.96 29.02 22.94
C ALA B 252 -24.08 30.50 22.55
N GLN B 253 -24.05 31.41 23.55
CA GLN B 253 -24.12 32.86 23.32
C GLN B 253 -22.85 33.37 22.64
N GLU B 254 -21.69 32.77 22.98
CA GLU B 254 -20.38 33.15 22.45
C GLU B 254 -20.21 32.89 20.95
N CYS B 255 -20.53 31.68 20.47
CA CYS B 255 -20.31 31.36 19.06
C CYS B 255 -21.40 30.55 18.34
N PHE B 256 -22.40 30.01 19.06
CA PHE B 256 -23.46 29.22 18.39
C PHE B 256 -24.41 30.14 17.64
N GLN B 257 -24.86 29.68 16.48
CA GLN B 257 -25.72 30.47 15.60
C GLN B 257 -27.07 29.78 15.38
N GLU B 258 -27.94 30.41 14.58
CA GLU B 258 -29.21 29.84 14.15
C GLU B 258 -28.83 28.94 12.97
N ARG B 259 -29.71 27.98 12.59
CA ARG B 259 -29.44 27.11 11.45
C ARG B 259 -29.33 27.92 10.15
#